data_5DQE
#
_entry.id   5DQE
#
_cell.length_a   121.470
_cell.length_b   61.582
_cell.length_c   80.419
_cell.angle_alpha   90.00
_cell.angle_beta   117.70
_cell.angle_gamma   90.00
#
_symmetry.space_group_name_H-M   'C 1 2 1'
#
loop_
_entity.id
_entity.type
_entity.pdbx_description
1 polymer 'Transcriptional enhancer factor TEF-4'
2 non-polymer '2-[(3-bromophenyl)amino]benzoic acid'
3 water water
#
_entity_poly.entity_id   1
_entity_poly.type   'polypeptide(L)'
_entity_poly.pdbx_seq_one_letter_code
;MAWQARGLGTARLQLVEFSAFVEPPDAVDSYQRHLFVHISQHCPSPGAPPLESVDVRQIYDKFPEKKGGLRELYDRGPPH
AFFLVKFWADLNWGPSGEEAGAGGSISSGGFYGVSSQYESLEHMTLTCSSKVCSFGKQVVEKVETERAQLEDGRFVYRLL
RSPMCEYLVNFLHKLRQLPERYMMNSVLENFTILQVVTNRDTQELLLCTAYVFEVSTSERGAQHHIYRLVRDVEHHHHHH
;
_entity_poly.pdbx_strand_id   A,B
#
loop_
_chem_comp.id
_chem_comp.type
_chem_comp.name
_chem_comp.formula
5E4 non-polymer '2-[(3-bromophenyl)amino]benzoic acid' 'C13 H10 Br N O2'
#
# COMPACT_ATOMS: atom_id res chain seq x y z
N GLY A 7 -5.48 5.39 -28.34
CA GLY A 7 -4.74 4.38 -27.59
C GLY A 7 -4.15 4.92 -26.29
N LEU A 8 -4.13 4.09 -25.25
CA LEU A 8 -3.45 4.46 -24.03
C LEU A 8 -1.97 4.05 -24.07
N GLY A 9 -1.10 4.98 -24.45
CA GLY A 9 0.30 4.64 -24.53
C GLY A 9 1.17 5.68 -25.19
N THR A 10 2.43 5.33 -25.38
CA THR A 10 3.41 6.21 -25.99
C THR A 10 4.31 5.35 -26.89
N ALA A 11 5.35 5.95 -27.46
CA ALA A 11 6.24 5.20 -28.32
C ALA A 11 6.92 4.11 -27.51
N ARG A 12 7.25 4.45 -26.26
CA ARG A 12 8.01 3.60 -25.40
C ARG A 12 7.23 2.48 -24.72
N LEU A 13 5.98 2.74 -24.31
CA LEU A 13 5.19 1.76 -23.56
C LEU A 13 3.70 1.89 -23.89
N GLN A 14 3.05 0.81 -24.26
CA GLN A 14 1.62 0.83 -24.54
C GLN A 14 0.88 -0.07 -23.57
N LEU A 15 -0.29 0.39 -23.12
CA LEU A 15 -1.21 -0.44 -22.36
C LEU A 15 -1.92 -1.36 -23.31
N VAL A 16 -1.96 -2.64 -22.99
CA VAL A 16 -2.51 -3.61 -23.94
C VAL A 16 -3.81 -4.13 -23.40
N GLU A 17 -3.85 -4.42 -22.10
CA GLU A 17 -5.09 -4.81 -21.47
C GLU A 17 -5.16 -4.48 -20.00
N PHE A 18 -6.33 -4.02 -19.56
CA PHE A 18 -6.55 -3.77 -18.15
C PHE A 18 -7.93 -4.26 -17.79
N SER A 19 -8.01 -4.88 -16.62
CA SER A 19 -9.28 -5.37 -16.12
C SER A 19 -9.25 -5.48 -14.61
N ALA A 20 -10.38 -5.18 -14.00
CA ALA A 20 -10.57 -5.37 -12.58
C ALA A 20 -11.79 -6.24 -12.48
N PHE A 21 -11.71 -7.30 -11.67
CA PHE A 21 -12.71 -8.36 -11.68
C PHE A 21 -12.88 -9.06 -10.34
N VAL A 22 -13.95 -9.83 -10.23
CA VAL A 22 -14.10 -10.76 -9.13
C VAL A 22 -14.44 -12.15 -9.69
N GLU A 23 -13.97 -13.17 -8.98
CA GLU A 23 -14.15 -14.56 -9.36
C GLU A 23 -14.83 -15.29 -8.24
N PRO A 24 -15.58 -16.35 -8.59
CA PRO A 24 -16.30 -17.07 -7.54
C PRO A 24 -15.35 -17.76 -6.57
N GLN A 32 -16.66 -18.31 -14.18
CA GLN A 32 -16.17 -17.21 -15.01
C GLN A 32 -15.76 -16.00 -14.17
N ARG A 33 -15.59 -14.87 -14.84
CA ARG A 33 -15.22 -13.62 -14.18
C ARG A 33 -16.32 -12.61 -14.31
N HIS A 34 -16.46 -11.75 -13.31
CA HIS A 34 -17.22 -10.52 -13.51
C HIS A 34 -16.28 -9.34 -13.56
N LEU A 35 -16.37 -8.61 -14.67
CA LEU A 35 -15.50 -7.48 -14.92
C LEU A 35 -16.13 -6.17 -14.52
N PHE A 36 -15.51 -5.46 -13.58
CA PHE A 36 -16.01 -4.13 -13.17
C PHE A 36 -15.69 -3.11 -14.24
N VAL A 37 -14.46 -3.23 -14.74
CA VAL A 37 -13.95 -2.36 -15.77
C VAL A 37 -12.99 -3.21 -16.62
N HIS A 38 -12.90 -2.87 -17.90
CA HIS A 38 -12.10 -3.64 -18.84
C HIS A 38 -11.69 -2.72 -19.99
N ILE A 39 -10.40 -2.75 -20.31
CA ILE A 39 -9.81 -2.08 -21.46
C ILE A 39 -9.03 -3.12 -22.19
N SER A 40 -9.29 -3.29 -23.48
CA SER A 40 -8.49 -4.18 -24.32
C SER A 40 -8.07 -3.45 -25.58
N GLN A 41 -6.81 -3.58 -25.99
CA GLN A 41 -6.34 -2.85 -27.17
C GLN A 41 -5.57 -3.72 -28.17
N LEU A 51 -8.59 11.07 -30.33
CA LEU A 51 -8.47 11.02 -28.87
C LEU A 51 -8.71 12.40 -28.24
N GLU A 52 -9.92 12.62 -27.74
CA GLU A 52 -10.27 13.88 -27.06
C GLU A 52 -9.21 14.23 -25.99
N SER A 53 -9.22 15.47 -25.49
CA SER A 53 -8.29 15.88 -24.43
C SER A 53 -9.01 16.58 -23.28
N VAL A 54 -8.30 16.75 -22.17
CA VAL A 54 -8.86 17.35 -20.96
C VAL A 54 -7.79 18.19 -20.27
N ASP A 55 -8.15 19.39 -19.80
CA ASP A 55 -7.15 20.24 -19.17
C ASP A 55 -6.94 19.81 -17.73
N VAL A 56 -5.69 19.48 -17.40
CA VAL A 56 -5.30 19.05 -16.07
C VAL A 56 -6.03 19.86 -15.01
N ARG A 57 -6.05 21.17 -15.20
CA ARG A 57 -6.62 22.10 -14.23
C ARG A 57 -8.09 21.78 -13.90
N GLN A 58 -8.73 20.95 -14.73
CA GLN A 58 -10.12 20.53 -14.52
C GLN A 58 -10.31 19.57 -13.34
N ILE A 59 -9.27 18.83 -13.00
CA ILE A 59 -9.39 17.77 -12.00
C ILE A 59 -8.39 17.98 -10.86
N TYR A 60 -7.70 19.12 -10.86
CA TYR A 60 -6.61 19.41 -9.91
C TYR A 60 -7.01 19.07 -8.47
N ASP A 61 -8.25 19.39 -8.10
CA ASP A 61 -8.74 19.26 -6.74
C ASP A 61 -9.06 17.80 -6.35
N LYS A 62 -9.25 16.94 -7.36
CA LYS A 62 -9.56 15.52 -7.14
C LYS A 62 -8.37 14.73 -6.56
N PHE A 63 -7.15 15.23 -6.80
CA PHE A 63 -5.94 14.68 -6.18
C PHE A 63 -5.35 15.65 -5.16
N PRO A 64 -4.50 15.12 -4.26
CA PRO A 64 -3.88 16.05 -3.31
C PRO A 64 -2.84 16.96 -3.94
N GLU A 65 -2.22 17.77 -3.10
CA GLU A 65 -0.98 18.43 -3.46
C GLU A 65 0.03 18.10 -2.36
N LYS A 66 0.30 16.79 -2.23
CA LYS A 66 1.29 16.29 -1.26
C LYS A 66 2.75 16.81 -1.45
N LYS A 67 3.26 17.12 -2.66
CA LYS A 67 2.59 17.06 -3.98
C LYS A 67 2.80 15.72 -4.67
N GLY A 68 1.99 14.75 -4.26
CA GLY A 68 2.07 13.37 -4.69
C GLY A 68 0.82 13.08 -5.49
N GLY A 69 -0.05 14.09 -5.50
CA GLY A 69 -1.06 14.24 -6.53
C GLY A 69 -0.50 15.04 -7.68
N LEU A 70 -1.22 15.00 -8.79
CA LEU A 70 -0.68 15.35 -10.10
C LEU A 70 0.02 16.71 -10.25
N ARG A 71 -0.26 17.67 -9.38
CA ARG A 71 0.22 19.03 -9.62
C ARG A 71 1.75 19.08 -9.81
N GLU A 72 2.48 18.40 -8.93
CA GLU A 72 3.94 18.43 -9.00
C GLU A 72 4.48 17.48 -10.06
N LEU A 73 3.73 16.43 -10.37
CA LEU A 73 4.25 15.36 -11.20
C LEU A 73 4.18 15.67 -12.70
N TYR A 74 3.14 16.37 -13.13
CA TYR A 74 2.94 16.71 -14.54
C TYR A 74 4.08 17.61 -15.01
N ASP A 75 4.48 18.52 -14.15
CA ASP A 75 5.57 19.45 -14.44
C ASP A 75 6.81 18.70 -14.90
N ARG A 76 7.24 17.72 -14.10
CA ARG A 76 8.48 16.99 -14.34
C ARG A 76 8.46 16.39 -15.73
N GLY A 77 7.25 16.06 -16.20
CA GLY A 77 7.04 15.69 -17.58
C GLY A 77 7.42 14.25 -17.87
N PRO A 78 7.27 13.83 -19.13
CA PRO A 78 6.84 14.71 -20.23
C PRO A 78 5.32 14.77 -20.33
N PRO A 79 4.76 15.88 -20.88
CA PRO A 79 3.29 16.04 -20.98
C PRO A 79 2.56 14.90 -21.73
N HIS A 80 3.18 14.31 -22.74
CA HIS A 80 2.53 13.32 -23.61
C HIS A 80 2.31 11.95 -22.90
N ALA A 81 2.84 11.81 -21.70
CA ALA A 81 2.69 10.56 -20.99
C ALA A 81 1.42 10.54 -20.07
N PHE A 82 0.68 11.63 -20.00
CA PHE A 82 -0.43 11.75 -19.07
C PHE A 82 -1.85 11.53 -19.66
N PHE A 83 -2.57 10.54 -19.13
CA PHE A 83 -3.91 10.20 -19.60
C PHE A 83 -4.95 10.22 -18.50
N LEU A 84 -6.20 10.47 -18.90
CA LEU A 84 -7.32 10.35 -17.99
C LEU A 84 -8.27 9.32 -18.55
N VAL A 85 -8.70 8.39 -17.70
CA VAL A 85 -9.66 7.39 -18.08
C VAL A 85 -10.92 7.57 -17.24
N LYS A 86 -12.06 7.65 -17.92
CA LYS A 86 -13.28 7.61 -17.18
C LYS A 86 -13.96 6.25 -17.39
N PHE A 87 -14.29 5.59 -16.30
CA PHE A 87 -14.99 4.33 -16.36
C PHE A 87 -16.45 4.43 -15.95
N TRP A 88 -17.31 3.73 -16.66
CA TRP A 88 -18.64 3.48 -16.14
C TRP A 88 -18.67 2.02 -15.78
N ALA A 89 -18.58 1.76 -14.48
CA ALA A 89 -18.38 0.43 -13.97
C ALA A 89 -19.68 -0.35 -13.94
N ASP A 90 -19.56 -1.61 -14.28
CA ASP A 90 -20.66 -2.53 -14.05
C ASP A 90 -20.55 -3.18 -12.64
N LEU A 91 -21.40 -2.74 -11.70
CA LEU A 91 -21.37 -3.27 -10.34
C LEU A 91 -22.49 -4.29 -9.98
N ASN A 92 -23.19 -4.88 -10.97
CA ASN A 92 -24.22 -5.89 -10.65
C ASN A 92 -23.68 -7.30 -10.84
N TRP A 93 -23.25 -7.92 -9.74
CA TRP A 93 -22.83 -9.33 -9.75
C TRP A 93 -23.41 -10.08 -8.55
N GLY A 110 -14.48 -14.92 -1.87
CA GLY A 110 -14.24 -14.65 -3.28
C GLY A 110 -12.92 -13.98 -3.59
N PHE A 111 -12.43 -14.09 -4.82
CA PHE A 111 -11.17 -13.45 -5.17
C PHE A 111 -11.30 -12.22 -6.09
N TYR A 112 -10.82 -11.08 -5.58
CA TYR A 112 -10.84 -9.79 -6.26
C TYR A 112 -9.47 -9.47 -6.79
N GLY A 113 -9.37 -9.23 -8.08
CA GLY A 113 -8.07 -9.04 -8.69
C GLY A 113 -8.00 -7.97 -9.74
N VAL A 114 -6.76 -7.66 -10.10
CA VAL A 114 -6.51 -6.70 -11.13
C VAL A 114 -5.45 -7.31 -12.02
N SER A 115 -5.62 -7.15 -13.32
CA SER A 115 -4.68 -7.67 -14.28
C SER A 115 -4.39 -6.56 -15.24
N SER A 116 -3.12 -6.32 -15.46
CA SER A 116 -2.71 -5.36 -16.45
C SER A 116 -1.58 -5.96 -17.29
N GLN A 117 -1.49 -5.49 -18.53
CA GLN A 117 -0.48 -5.93 -19.44
C GLN A 117 -0.09 -4.76 -20.36
N TYR A 118 1.21 -4.55 -20.43
CA TYR A 118 1.82 -3.49 -21.22
C TYR A 118 2.76 -4.13 -22.19
N GLU A 119 3.14 -3.39 -23.22
CA GLU A 119 4.17 -3.90 -24.11
C GLU A 119 5.08 -2.76 -24.58
N SER A 120 6.27 -3.16 -25.03
CA SER A 120 7.25 -2.26 -25.64
C SER A 120 8.21 -3.03 -26.50
N LEU A 121 8.92 -2.28 -27.32
CA LEU A 121 10.04 -2.82 -28.08
C LEU A 121 11.36 -2.78 -27.31
N GLU A 122 11.42 -2.09 -26.18
CA GLU A 122 12.70 -2.09 -25.47
C GLU A 122 12.58 -2.78 -24.15
N HIS A 123 13.66 -3.45 -23.78
CA HIS A 123 13.73 -4.26 -22.58
C HIS A 123 13.95 -3.37 -21.37
N MET A 124 12.96 -3.36 -20.48
CA MET A 124 13.03 -2.55 -19.30
C MET A 124 12.60 -3.39 -18.12
N THR A 125 12.83 -2.82 -16.95
CA THR A 125 12.11 -3.18 -15.74
C THR A 125 11.17 -2.03 -15.32
N LEU A 126 9.89 -2.33 -15.15
CA LEU A 126 8.91 -1.31 -14.83
C LEU A 126 8.60 -1.25 -13.34
N THR A 127 8.44 -0.04 -12.85
CA THR A 127 7.89 0.20 -11.51
C THR A 127 6.52 0.81 -11.72
N CYS A 128 5.51 0.21 -11.10
CA CYS A 128 4.13 0.65 -11.29
C CYS A 128 3.64 1.12 -9.92
N SER A 129 3.43 2.43 -9.75
CA SER A 129 2.86 2.90 -8.49
C SER A 129 1.37 3.25 -8.65
N SER A 130 0.52 2.65 -7.84
CA SER A 130 -0.94 2.90 -7.87
C SER A 130 -1.40 3.54 -6.59
N LYS A 131 -2.11 4.67 -6.70
CA LYS A 131 -2.56 5.41 -5.56
C LYS A 131 -4.04 5.57 -5.62
N VAL A 132 -4.70 5.39 -4.49
CA VAL A 132 -6.12 5.69 -4.35
C VAL A 132 -6.23 6.97 -3.57
N CYS A 133 -7.03 7.88 -4.09
CA CYS A 133 -7.22 9.14 -3.41
C CYS A 133 -8.70 9.24 -3.06
N SER A 134 -8.94 9.55 -1.80
CA SER A 134 -10.29 9.71 -1.30
C SER A 134 -10.49 11.03 -0.58
N PHE A 135 -11.41 11.86 -1.08
CA PHE A 135 -11.65 13.17 -0.47
C PHE A 135 -10.36 13.98 -0.40
N GLY A 136 -9.60 14.01 -1.48
CA GLY A 136 -8.37 14.78 -1.55
C GLY A 136 -7.15 14.20 -0.83
N LYS A 137 -7.34 13.07 -0.17
CA LYS A 137 -6.26 12.42 0.56
C LYS A 137 -5.90 11.06 -0.01
N GLN A 138 -4.61 10.75 0.03
CA GLN A 138 -4.13 9.48 -0.44
C GLN A 138 -4.31 8.40 0.62
N VAL A 139 -5.18 7.41 0.40
CA VAL A 139 -5.42 6.37 1.40
C VAL A 139 -4.81 5.02 1.02
N VAL A 140 -4.39 4.85 -0.25
CA VAL A 140 -3.68 3.65 -0.63
C VAL A 140 -2.48 3.97 -1.51
N GLU A 141 -1.38 3.29 -1.29
CA GLU A 141 -0.34 3.27 -2.28
C GLU A 141 0.20 1.87 -2.40
N LYS A 142 0.18 1.38 -3.62
CA LYS A 142 0.65 0.07 -3.97
C LYS A 142 1.79 0.21 -4.96
N VAL A 143 2.95 -0.36 -4.63
CA VAL A 143 4.08 -0.37 -5.56
C VAL A 143 4.45 -1.80 -5.98
N GLU A 144 4.52 -2.02 -7.29
CA GLU A 144 4.93 -3.29 -7.88
C GLU A 144 5.95 -3.09 -8.99
N THR A 145 6.61 -4.18 -9.30
CA THR A 145 7.77 -4.20 -10.15
C THR A 145 7.63 -5.40 -11.07
N GLU A 146 7.84 -5.18 -12.34
CA GLU A 146 7.72 -6.22 -13.36
C GLU A 146 8.83 -6.13 -14.42
N ARG A 147 9.43 -7.28 -14.68
CA ARG A 147 10.51 -7.39 -15.64
C ARG A 147 9.92 -7.75 -16.97
N ALA A 148 10.57 -7.29 -18.03
CA ALA A 148 10.18 -7.61 -19.39
C ALA A 148 10.23 -9.09 -19.67
N GLN A 149 9.27 -9.56 -20.46
CA GLN A 149 9.26 -10.91 -20.99
C GLN A 149 9.20 -10.86 -22.52
N LEU A 150 10.12 -11.57 -23.16
CA LEU A 150 10.17 -11.63 -24.61
C LEU A 150 9.05 -12.49 -25.16
N GLU A 151 8.27 -11.95 -26.09
CA GLU A 151 7.16 -12.70 -26.68
C GLU A 151 6.76 -12.12 -28.03
N ASP A 152 6.92 -12.90 -29.09
CA ASP A 152 6.49 -12.50 -30.43
C ASP A 152 7.11 -11.19 -30.90
N GLY A 153 8.44 -11.08 -30.77
CA GLY A 153 9.14 -9.90 -31.25
C GLY A 153 8.91 -8.57 -30.51
N ARG A 154 8.28 -8.62 -29.35
CA ARG A 154 8.09 -7.48 -28.45
C ARG A 154 8.36 -7.90 -26.99
N PHE A 155 8.43 -6.95 -26.09
CA PHE A 155 8.48 -7.29 -24.68
C PHE A 155 7.13 -6.99 -24.04
N VAL A 156 6.68 -7.93 -23.20
CA VAL A 156 5.42 -7.76 -22.49
C VAL A 156 5.70 -7.74 -21.01
N TYR A 157 4.82 -7.01 -20.33
CA TYR A 157 4.87 -6.82 -18.92
C TYR A 157 3.51 -7.23 -18.39
N ARG A 158 3.44 -8.43 -17.81
CA ARG A 158 2.20 -9.03 -17.33
C ARG A 158 2.13 -9.01 -15.82
N LEU A 159 1.21 -8.20 -15.33
CA LEU A 159 0.93 -8.07 -13.91
C LEU A 159 -0.45 -8.70 -13.71
N LEU A 160 -0.48 -10.02 -13.61
CA LEU A 160 -1.76 -10.74 -13.63
C LEU A 160 -2.25 -11.17 -12.26
N ARG A 161 -3.57 -11.07 -12.08
CA ARG A 161 -4.28 -11.47 -10.86
C ARG A 161 -3.56 -10.92 -9.60
N SER A 162 -3.26 -9.63 -9.63
CA SER A 162 -2.76 -8.99 -8.42
C SER A 162 -3.94 -8.79 -7.48
N PRO A 163 -3.86 -9.31 -6.25
CA PRO A 163 -5.06 -9.14 -5.43
C PRO A 163 -5.35 -7.69 -5.17
N MET A 164 -6.59 -7.36 -5.34
CA MET A 164 -7.05 -6.02 -5.12
C MET A 164 -6.84 -5.73 -3.62
N CYS A 165 -6.37 -4.55 -3.26
CA CYS A 165 -6.07 -4.36 -1.84
C CYS A 165 -7.38 -4.32 -1.06
N GLU A 166 -7.26 -4.68 0.21
CA GLU A 166 -8.42 -4.92 1.07
C GLU A 166 -9.29 -3.68 1.24
N TYR A 167 -8.67 -2.49 1.26
CA TYR A 167 -9.42 -1.25 1.38
C TYR A 167 -10.45 -1.17 0.24
N LEU A 168 -10.06 -1.49 -0.99
CA LEU A 168 -10.98 -1.45 -2.12
C LEU A 168 -12.05 -2.50 -2.12
N VAL A 169 -11.72 -3.74 -1.76
CA VAL A 169 -12.73 -4.80 -1.72
C VAL A 169 -13.84 -4.34 -0.72
N ASN A 170 -13.42 -3.78 0.40
CA ASN A 170 -14.34 -3.40 1.43
C ASN A 170 -15.20 -2.24 0.98
N PHE A 171 -14.58 -1.25 0.34
CA PHE A 171 -15.29 -0.12 -0.23
C PHE A 171 -16.29 -0.60 -1.28
N LEU A 172 -15.86 -1.45 -2.20
CA LEU A 172 -16.80 -2.03 -3.17
C LEU A 172 -17.99 -2.75 -2.51
N HIS A 173 -17.74 -3.47 -1.43
CA HIS A 173 -18.83 -4.16 -0.80
C HIS A 173 -19.86 -3.17 -0.27
N LYS A 174 -19.38 -2.04 0.23
CA LYS A 174 -20.30 -1.06 0.76
C LYS A 174 -21.07 -0.41 -0.37
N LEU A 175 -20.34 0.04 -1.37
CA LEU A 175 -20.92 0.67 -2.53
C LEU A 175 -22.04 -0.20 -3.11
N ARG A 176 -21.77 -1.49 -3.14
CA ARG A 176 -22.69 -2.45 -3.69
C ARG A 176 -24.00 -2.42 -2.90
N GLN A 177 -23.94 -2.09 -1.60
CA GLN A 177 -25.12 -2.02 -0.74
C GLN A 177 -26.12 -0.90 -1.06
N LEU A 178 -25.66 0.20 -1.68
CA LEU A 178 -26.47 1.39 -1.83
C LEU A 178 -27.72 1.09 -2.66
N PRO A 179 -28.86 1.68 -2.32
CA PRO A 179 -30.12 1.44 -3.00
C PRO A 179 -30.23 2.05 -4.37
N GLU A 180 -29.52 3.14 -4.65
CA GLU A 180 -29.68 3.79 -5.95
C GLU A 180 -28.34 4.13 -6.57
N ARG A 181 -28.35 4.13 -7.89
CA ARG A 181 -27.15 4.33 -8.68
C ARG A 181 -26.64 5.77 -8.53
N TYR A 182 -27.57 6.71 -8.35
CA TYR A 182 -27.18 8.09 -8.23
C TYR A 182 -26.47 8.25 -6.91
N MET A 183 -26.84 7.42 -5.94
CA MET A 183 -26.12 7.45 -4.65
C MET A 183 -24.67 6.92 -4.79
N MET A 184 -24.51 5.79 -5.47
CA MET A 184 -23.18 5.26 -5.84
C MET A 184 -22.34 6.35 -6.53
N ASN A 185 -22.91 7.06 -7.49
CA ASN A 185 -22.18 8.09 -8.21
C ASN A 185 -21.86 9.32 -7.34
N SER A 186 -22.74 9.69 -6.42
CA SER A 186 -22.38 10.73 -5.45
C SER A 186 -21.15 10.36 -4.66
N VAL A 187 -21.11 9.15 -4.12
CA VAL A 187 -19.98 8.71 -3.35
C VAL A 187 -18.70 8.71 -4.23
N LEU A 188 -18.77 8.09 -5.41
CA LEU A 188 -17.64 7.94 -6.32
C LEU A 188 -17.04 9.26 -6.85
N GLU A 189 -17.78 10.35 -6.84
CA GLU A 189 -17.21 11.61 -7.31
C GLU A 189 -16.05 12.07 -6.40
N ASN A 190 -15.96 11.53 -5.18
CA ASN A 190 -14.85 11.84 -4.26
C ASN A 190 -13.67 10.86 -4.31
N PHE A 191 -13.64 10.00 -5.33
CA PHE A 191 -12.60 8.96 -5.41
C PHE A 191 -11.89 8.98 -6.76
N THR A 192 -10.57 8.83 -6.70
CA THR A 192 -9.80 8.77 -7.91
C THR A 192 -8.60 7.87 -7.67
N ILE A 193 -8.14 7.27 -8.77
CA ILE A 193 -6.96 6.46 -8.78
C ILE A 193 -5.93 7.07 -9.72
N LEU A 194 -4.67 6.98 -9.35
CA LEU A 194 -3.55 7.43 -10.16
C LEU A 194 -2.60 6.29 -10.27
N GLN A 195 -2.22 5.97 -11.49
CA GLN A 195 -1.21 4.95 -11.76
C GLN A 195 -0.02 5.57 -12.50
N VAL A 196 1.16 5.43 -11.93
CA VAL A 196 2.37 5.98 -12.47
C VAL A 196 3.34 4.83 -12.81
N VAL A 197 3.69 4.72 -14.08
CA VAL A 197 4.61 3.68 -14.52
C VAL A 197 5.92 4.35 -14.95
N THR A 198 7.00 3.84 -14.38
CA THR A 198 8.33 4.40 -14.54
C THR A 198 9.31 3.28 -14.85
N ASN A 199 10.28 3.62 -15.68
CA ASN A 199 11.43 2.77 -15.93
C ASN A 199 12.27 2.72 -14.65
N ARG A 200 12.33 1.59 -14.01
CA ARG A 200 12.96 1.54 -12.70
C ARG A 200 14.44 1.86 -12.74
N ASP A 201 15.14 1.44 -13.79
CA ASP A 201 16.57 1.65 -13.81
C ASP A 201 16.95 3.10 -14.13
N THR A 202 16.04 3.88 -14.67
CA THR A 202 16.38 5.24 -15.04
C THR A 202 15.50 6.25 -14.33
N GLN A 203 14.37 5.78 -13.84
CA GLN A 203 13.41 6.60 -13.10
C GLN A 203 12.68 7.57 -14.05
N GLU A 204 12.83 7.36 -15.35
CA GLU A 204 11.97 7.98 -16.35
C GLU A 204 10.52 7.54 -16.21
N LEU A 205 9.63 8.49 -16.31
CA LEU A 205 8.19 8.27 -16.23
C LEU A 205 7.73 7.84 -17.60
N LEU A 206 7.02 6.73 -17.71
CA LEU A 206 6.60 6.25 -19.04
C LEU A 206 5.15 6.47 -19.26
N LEU A 207 4.37 6.37 -18.17
CA LEU A 207 2.91 6.51 -18.21
C LEU A 207 2.40 7.02 -16.87
N CYS A 208 1.51 8.02 -16.95
CA CYS A 208 0.78 8.49 -15.78
C CYS A 208 -0.68 8.58 -16.12
N THR A 209 -1.50 7.79 -15.47
CA THR A 209 -2.91 7.68 -15.80
C THR A 209 -3.80 7.95 -14.59
N ALA A 210 -4.73 8.87 -14.75
CA ALA A 210 -5.73 9.11 -13.72
C ALA A 210 -7.04 8.41 -14.10
N TYR A 211 -7.62 7.70 -13.15
CA TYR A 211 -8.94 7.09 -13.34
C TYR A 211 -10.06 7.65 -12.45
N VAL A 212 -11.18 8.00 -13.09
CA VAL A 212 -12.37 8.38 -12.36
C VAL A 212 -13.53 7.43 -12.74
N PHE A 213 -14.52 7.36 -11.83
CA PHE A 213 -15.52 6.30 -11.85
C PHE A 213 -16.91 6.78 -11.67
N GLU A 214 -17.78 6.14 -12.43
CA GLU A 214 -19.20 6.18 -12.19
C GLU A 214 -19.70 4.76 -12.36
N VAL A 215 -20.95 4.57 -12.01
CA VAL A 215 -21.60 3.29 -12.15
C VAL A 215 -22.57 3.39 -13.32
N SER A 216 -22.54 2.42 -14.23
CA SER A 216 -23.55 2.36 -15.30
C SER A 216 -24.77 1.57 -14.89
N THR A 217 -25.82 1.64 -15.69
CA THR A 217 -26.99 0.74 -15.56
C THR A 217 -26.76 -0.54 -16.36
N SER A 218 -27.20 -1.69 -15.83
CA SER A 218 -26.84 -3.03 -16.33
C SER A 218 -27.08 -3.28 -17.84
N GLU A 219 -28.16 -2.70 -18.36
CA GLU A 219 -28.45 -2.66 -19.81
C GLU A 219 -27.27 -2.09 -20.59
N ARG A 220 -26.76 -0.96 -20.11
CA ARG A 220 -25.51 -0.35 -20.57
C ARG A 220 -24.37 -1.00 -19.79
N GLY A 221 -23.59 -1.85 -20.44
CA GLY A 221 -22.51 -2.49 -19.73
C GLY A 221 -21.42 -1.48 -19.41
N ALA A 222 -20.30 -1.96 -18.89
CA ALA A 222 -19.15 -1.08 -18.64
C ALA A 222 -18.66 -0.37 -19.90
N GLN A 223 -18.03 0.79 -19.73
CA GLN A 223 -17.60 1.60 -20.84
C GLN A 223 -16.50 2.45 -20.29
N HIS A 224 -15.58 2.83 -21.14
CA HIS A 224 -14.56 3.75 -20.71
C HIS A 224 -14.32 4.80 -21.77
N HIS A 225 -13.79 5.94 -21.38
CA HIS A 225 -13.26 6.87 -22.37
C HIS A 225 -11.92 7.41 -21.93
N ILE A 226 -10.97 7.29 -22.85
CA ILE A 226 -9.59 7.66 -22.62
C ILE A 226 -9.34 9.02 -23.19
N TYR A 227 -8.58 9.82 -22.47
CA TYR A 227 -8.37 11.21 -22.78
C TYR A 227 -6.93 11.54 -22.54
N ARG A 228 -6.40 12.43 -23.35
CA ARG A 228 -5.10 13.04 -23.07
C ARG A 228 -5.29 14.11 -22.01
N LEU A 229 -4.30 14.28 -21.12
CA LEU A 229 -4.26 15.42 -20.21
C LEU A 229 -3.29 16.51 -20.68
N VAL A 230 -3.77 17.76 -20.75
CA VAL A 230 -2.97 18.90 -21.21
C VAL A 230 -3.13 20.10 -20.28
N ARG A 231 -2.27 21.11 -20.44
CA ARG A 231 -2.35 22.33 -19.63
C ARG A 231 -2.05 23.53 -20.50
N ALA B 5 7.06 -19.97 19.70
CA ALA B 5 7.90 -18.93 19.09
C ALA B 5 8.72 -18.20 20.16
N ARG B 6 9.98 -17.93 19.79
CA ARG B 6 10.93 -17.24 20.68
C ARG B 6 11.18 -15.81 20.23
N GLY B 7 10.93 -15.53 18.95
CA GLY B 7 11.21 -14.22 18.39
C GLY B 7 10.14 -13.84 17.40
N LEU B 8 10.24 -12.65 16.83
CA LEU B 8 9.24 -12.25 15.86
C LEU B 8 9.58 -12.87 14.51
N GLY B 9 8.96 -14.00 14.24
CA GLY B 9 9.28 -14.72 13.04
C GLY B 9 8.77 -16.13 13.15
N THR B 10 8.79 -16.79 12.03
CA THR B 10 8.45 -18.18 11.91
C THR B 10 9.61 -18.87 11.23
N ALA B 11 9.52 -20.19 11.11
CA ALA B 11 10.55 -20.94 10.40
C ALA B 11 10.66 -20.51 8.94
N ARG B 12 9.62 -19.88 8.41
CA ARG B 12 9.55 -19.51 7.01
C ARG B 12 10.04 -18.09 6.73
N LEU B 13 9.86 -17.20 7.69
CA LEU B 13 10.23 -15.82 7.50
C LEU B 13 10.48 -15.19 8.86
N GLN B 14 11.67 -14.59 9.01
CA GLN B 14 12.01 -13.85 10.24
C GLN B 14 12.28 -12.38 9.98
N LEU B 15 11.80 -11.58 10.92
CA LEU B 15 12.19 -10.20 11.00
C LEU B 15 13.64 -10.12 11.46
N VAL B 16 14.47 -9.43 10.71
CA VAL B 16 15.83 -9.24 11.15
C VAL B 16 15.88 -7.94 11.85
N GLU B 17 15.29 -6.96 11.22
CA GLU B 17 15.40 -5.63 11.71
C GLU B 17 14.27 -4.75 11.25
N PHE B 18 13.85 -3.87 12.14
CA PHE B 18 12.84 -2.89 11.80
C PHE B 18 13.11 -1.56 12.52
N SER B 19 12.98 -0.45 11.82
CA SER B 19 13.13 0.84 12.50
C SER B 19 12.40 1.90 11.73
N ALA B 20 11.96 2.90 12.48
CA ALA B 20 11.42 4.11 11.93
C ALA B 20 12.30 5.23 12.49
N PHE B 21 12.68 6.17 11.65
CA PHE B 21 13.71 7.09 12.06
C PHE B 21 13.60 8.42 11.38
N VAL B 22 14.33 9.39 11.94
CA VAL B 22 14.49 10.65 11.28
C VAL B 22 15.96 11.10 11.26
N GLU B 23 16.39 11.57 10.10
CA GLU B 23 17.71 12.12 9.97
C GLU B 23 17.60 13.63 9.86
N PRO B 24 18.33 14.39 10.68
CA PRO B 24 18.22 15.84 10.54
C PRO B 24 18.78 16.35 9.22
N PRO B 25 18.41 17.56 8.81
CA PRO B 25 18.97 18.16 7.58
C PRO B 25 20.51 18.21 7.56
N ASP B 26 21.15 18.50 8.70
CA ASP B 26 22.60 18.60 8.72
C ASP B 26 23.31 17.24 8.86
N ALA B 27 22.58 16.16 8.58
CA ALA B 27 23.14 14.81 8.70
C ALA B 27 24.24 14.58 7.66
N VAL B 28 24.24 15.43 6.64
CA VAL B 28 25.23 15.41 5.57
C VAL B 28 26.57 15.94 6.05
N ASP B 29 26.56 16.72 7.14
CA ASP B 29 27.81 17.19 7.74
C ASP B 29 28.33 16.15 8.73
N SER B 30 27.56 15.93 9.78
CA SER B 30 27.81 14.85 10.71
C SER B 30 26.55 14.01 10.75
N TYR B 31 26.71 12.71 10.56
CA TYR B 31 25.56 11.86 10.42
C TYR B 31 24.96 11.49 11.78
N GLN B 32 23.65 11.61 11.87
CA GLN B 32 22.97 11.12 13.02
C GLN B 32 21.59 10.72 12.58
N ARG B 33 20.97 9.82 13.31
CA ARG B 33 19.60 9.50 13.04
C ARG B 33 18.98 9.28 14.41
N HIS B 34 17.77 9.74 14.56
CA HIS B 34 16.98 9.50 15.75
C HIS B 34 16.02 8.36 15.46
N LEU B 35 15.93 7.39 16.36
CA LEU B 35 15.04 6.26 16.18
C LEU B 35 13.75 6.40 16.97
N PHE B 36 12.63 6.47 16.27
CA PHE B 36 11.33 6.54 16.92
C PHE B 36 11.02 5.18 17.60
N VAL B 37 11.15 4.12 16.80
CA VAL B 37 11.01 2.75 17.23
C VAL B 37 12.08 1.89 16.51
N HIS B 38 12.34 0.72 17.07
CA HIS B 38 13.44 -0.13 16.62
C HIS B 38 13.32 -1.57 17.17
N ILE B 39 13.40 -2.55 16.26
CA ILE B 39 13.58 -3.96 16.59
C ILE B 39 14.81 -4.48 15.84
N SER B 40 15.77 -5.03 16.55
CA SER B 40 16.81 -5.87 15.96
C SER B 40 16.75 -7.31 16.48
N GLN B 41 16.79 -8.31 15.61
CA GLN B 41 16.80 -9.71 16.08
C GLN B 41 17.94 -10.54 15.47
N ALA B 48 15.94 -17.32 24.40
CA ALA B 48 15.70 -18.75 24.51
C ALA B 48 14.28 -19.06 25.00
N PRO B 49 13.68 -18.18 25.83
CA PRO B 49 12.36 -18.60 26.30
C PRO B 49 11.26 -18.30 25.28
N PRO B 50 10.04 -18.83 25.52
CA PRO B 50 8.90 -18.47 24.68
C PRO B 50 8.43 -17.05 24.94
N LEU B 51 7.83 -16.44 23.93
CA LEU B 51 7.23 -15.14 24.12
C LEU B 51 5.97 -15.32 24.95
N GLU B 52 5.58 -14.29 25.70
CA GLU B 52 4.25 -14.28 26.30
C GLU B 52 3.24 -14.23 25.18
N SER B 53 2.01 -14.62 25.53
CA SER B 53 0.87 -14.63 24.64
C SER B 53 -0.17 -13.54 25.00
N VAL B 54 -0.91 -13.09 23.98
CA VAL B 54 -2.06 -12.22 24.17
C VAL B 54 -3.21 -12.79 23.33
N ASP B 55 -4.44 -12.85 23.88
CA ASP B 55 -5.59 -13.30 23.10
C ASP B 55 -6.06 -12.25 22.08
N VAL B 56 -6.16 -12.65 20.81
CA VAL B 56 -6.44 -11.72 19.72
C VAL B 56 -7.82 -11.15 19.81
N ARG B 57 -8.73 -11.91 20.42
CA ARG B 57 -10.11 -11.48 20.58
C ARG B 57 -10.15 -10.12 21.31
N GLN B 58 -9.19 -9.88 22.20
CA GLN B 58 -9.14 -8.66 23.00
C GLN B 58 -8.81 -7.38 22.22
N ILE B 59 -8.20 -7.51 21.04
CA ILE B 59 -7.82 -6.33 20.26
C ILE B 59 -8.53 -6.26 18.91
N TYR B 60 -9.47 -7.18 18.66
CA TYR B 60 -10.24 -7.19 17.41
C TYR B 60 -10.73 -5.79 17.06
N ASP B 61 -11.20 -5.04 18.07
CA ASP B 61 -11.91 -3.78 17.83
C ASP B 61 -10.95 -2.61 17.48
N LYS B 62 -9.66 -2.80 17.71
CA LYS B 62 -8.70 -1.73 17.41
C LYS B 62 -8.17 -1.86 15.98
N PHE B 63 -8.64 -2.86 15.23
CA PHE B 63 -8.08 -3.11 13.91
C PHE B 63 -9.19 -3.13 12.86
N PRO B 64 -8.81 -3.20 11.57
CA PRO B 64 -9.89 -2.92 10.61
C PRO B 64 -10.95 -4.00 10.55
N GLU B 65 -12.03 -3.65 9.86
CA GLU B 65 -13.04 -4.61 9.44
C GLU B 65 -13.23 -4.35 7.96
N LYS B 66 -13.58 -5.35 7.15
CA LYS B 66 -13.75 -6.75 7.52
C LYS B 66 -12.61 -7.48 6.85
N LYS B 67 -12.60 -7.43 5.52
CA LYS B 67 -11.46 -7.89 4.73
C LYS B 67 -10.18 -7.19 5.19
N GLY B 68 -9.20 -8.01 5.56
CA GLY B 68 -7.91 -7.53 5.98
C GLY B 68 -7.86 -7.09 7.42
N GLY B 69 -8.98 -7.26 8.16
CA GLY B 69 -8.96 -7.11 9.60
C GLY B 69 -8.48 -8.39 10.31
N LEU B 70 -8.16 -8.27 11.61
CA LEU B 70 -7.57 -9.39 12.35
C LEU B 70 -8.42 -10.66 12.29
N ARG B 71 -9.73 -10.57 12.45
CA ARG B 71 -10.47 -11.82 12.58
C ARG B 71 -10.39 -12.64 11.30
N GLU B 72 -10.64 -11.98 10.17
CA GLU B 72 -10.59 -12.62 8.85
C GLU B 72 -9.18 -13.11 8.55
N LEU B 73 -8.18 -12.33 8.92
CA LEU B 73 -6.80 -12.76 8.71
C LEU B 73 -6.49 -13.96 9.56
N TYR B 74 -6.89 -13.91 10.82
CA TYR B 74 -6.63 -15.01 11.73
C TYR B 74 -7.33 -16.27 11.28
N ASP B 75 -8.55 -16.15 10.75
CA ASP B 75 -9.28 -17.31 10.25
C ASP B 75 -8.56 -17.91 9.03
N ARG B 76 -7.98 -17.06 8.21
CA ARG B 76 -7.22 -17.52 7.06
C ARG B 76 -6.00 -18.31 7.51
N GLY B 77 -5.42 -17.91 8.65
CA GLY B 77 -4.25 -18.56 9.20
C GLY B 77 -3.00 -18.34 8.38
N PRO B 78 -1.89 -18.96 8.80
CA PRO B 78 -1.79 -19.90 9.93
C PRO B 78 -1.63 -19.19 11.27
N PRO B 79 -2.18 -19.74 12.35
CA PRO B 79 -2.17 -19.10 13.69
C PRO B 79 -0.82 -18.70 14.24
N HIS B 80 0.22 -19.47 13.96
CA HIS B 80 1.50 -19.18 14.59
C HIS B 80 2.16 -17.96 14.00
N ALA B 81 1.62 -17.47 12.90
CA ALA B 81 2.21 -16.36 12.19
C ALA B 81 1.90 -15.00 12.80
N PHE B 82 1.16 -14.97 13.89
CA PHE B 82 0.54 -13.73 14.38
C PHE B 82 1.20 -13.17 15.66
N PHE B 83 1.69 -11.95 15.58
CA PHE B 83 2.35 -11.29 16.69
C PHE B 83 1.78 -9.92 16.99
N LEU B 84 1.98 -9.53 18.24
CA LEU B 84 1.63 -8.20 18.76
C LEU B 84 2.89 -7.54 19.29
N VAL B 85 3.18 -6.33 18.82
CA VAL B 85 4.32 -5.58 19.33
C VAL B 85 3.86 -4.32 20.03
N LYS B 86 4.18 -4.18 21.30
CA LYS B 86 4.01 -2.91 22.00
C LYS B 86 5.29 -2.12 21.87
N PHE B 87 5.18 -0.91 21.32
CA PHE B 87 6.29 0.04 21.26
C PHE B 87 6.11 1.14 22.30
N TRP B 88 7.22 1.48 22.95
CA TRP B 88 7.34 2.76 23.59
C TRP B 88 8.19 3.60 22.65
N ALA B 89 7.53 4.54 22.01
CA ALA B 89 8.15 5.40 21.00
C ALA B 89 8.89 6.60 21.62
N ASP B 90 10.10 6.83 21.11
CA ASP B 90 10.89 7.98 21.48
C ASP B 90 10.57 9.18 20.60
N LEU B 91 9.80 10.13 21.13
CA LEU B 91 9.47 11.35 20.39
C LEU B 91 10.26 12.55 20.87
N ASN B 92 11.43 12.30 21.42
CA ASN B 92 12.18 13.37 22.02
C ASN B 92 13.47 13.56 21.18
N TRP B 93 13.35 14.38 20.13
CA TRP B 93 14.39 14.45 19.09
C TRP B 93 14.70 15.86 18.53
N GLY B 109 12.99 20.70 8.62
CA GLY B 109 12.77 19.69 7.61
C GLY B 109 13.36 18.35 8.03
N GLY B 110 14.02 17.65 7.11
CA GLY B 110 14.66 16.38 7.46
C GLY B 110 14.09 15.14 6.79
N PHE B 111 14.74 13.98 6.95
CA PHE B 111 14.28 12.81 6.23
C PHE B 111 13.70 11.80 7.21
N TYR B 112 12.43 11.46 7.00
CA TYR B 112 11.72 10.51 7.82
C TYR B 112 11.62 9.21 7.08
N GLY B 113 12.09 8.12 7.68
CA GLY B 113 12.02 6.83 7.01
C GLY B 113 11.71 5.62 7.84
N VAL B 114 11.44 4.56 7.11
CA VAL B 114 11.17 3.26 7.65
C VAL B 114 12.02 2.22 6.89
N SER B 115 12.63 1.31 7.65
CA SER B 115 13.49 0.27 7.11
C SER B 115 13.15 -1.10 7.73
N SER B 116 13.11 -2.11 6.88
CA SER B 116 12.66 -3.46 7.24
C SER B 116 13.57 -4.44 6.58
N GLN B 117 13.94 -5.49 7.29
CA GLN B 117 14.70 -6.56 6.72
C GLN B 117 14.21 -7.91 7.29
N TYR B 118 14.01 -8.85 6.36
CA TYR B 118 13.50 -10.17 6.67
C TYR B 118 14.44 -11.19 6.11
N GLU B 119 14.36 -12.39 6.66
CA GLU B 119 15.15 -13.49 6.17
C GLU B 119 14.32 -14.76 6.00
N SER B 120 14.71 -15.58 5.02
CA SER B 120 14.08 -16.86 4.79
C SER B 120 15.08 -17.85 4.24
N LEU B 121 14.72 -19.12 4.35
CA LEU B 121 15.46 -20.17 3.67
C LEU B 121 14.96 -20.36 2.26
N GLU B 122 13.71 -20.02 1.98
CA GLU B 122 13.26 -20.08 0.58
C GLU B 122 13.31 -18.71 -0.12
N HIS B 123 13.50 -18.81 -1.43
CA HIS B 123 13.42 -17.73 -2.39
C HIS B 123 11.97 -17.44 -2.65
N MET B 124 11.52 -16.23 -2.35
CA MET B 124 10.13 -15.86 -2.58
C MET B 124 10.09 -14.45 -3.06
N THR B 125 8.92 -14.04 -3.52
CA THR B 125 8.63 -12.65 -3.67
C THR B 125 7.57 -12.35 -2.61
N LEU B 126 7.89 -11.33 -1.80
CA LEU B 126 7.08 -10.87 -0.67
C LEU B 126 6.20 -9.69 -1.05
N THR B 127 4.97 -9.70 -0.54
CA THR B 127 4.12 -8.52 -0.54
C THR B 127 3.96 -8.07 0.92
N CYS B 128 4.28 -6.81 1.20
CA CYS B 128 4.24 -6.28 2.53
C CYS B 128 3.21 -5.20 2.54
N SER B 129 2.16 -5.42 3.30
CA SER B 129 1.08 -4.49 3.45
C SER B 129 1.07 -3.89 4.84
N SER B 130 1.16 -2.57 4.93
CA SER B 130 1.04 -1.87 6.19
C SER B 130 -0.23 -1.03 6.23
N LYS B 131 -1.04 -1.26 7.25
CA LYS B 131 -2.32 -0.59 7.39
C LYS B 131 -2.41 0.19 8.71
N VAL B 132 -2.75 1.48 8.63
CA VAL B 132 -2.98 2.33 9.77
C VAL B 132 -4.47 2.33 10.10
N CYS B 133 -4.81 2.01 11.34
CA CYS B 133 -6.17 2.17 11.79
C CYS B 133 -6.29 3.26 12.84
N SER B 134 -7.39 3.99 12.72
CA SER B 134 -7.74 5.10 13.60
C SER B 134 -9.12 4.83 14.11
N PHE B 135 -9.23 4.69 15.41
CA PHE B 135 -10.52 4.37 16.00
C PHE B 135 -11.11 3.12 15.38
N GLY B 136 -10.24 2.18 15.01
CA GLY B 136 -10.68 0.90 14.47
C GLY B 136 -10.90 0.86 12.97
N LYS B 137 -11.05 2.03 12.36
CA LYS B 137 -11.20 2.15 10.90
C LYS B 137 -9.87 2.35 10.18
N GLN B 138 -9.72 1.62 9.09
CA GLN B 138 -8.51 1.74 8.31
C GLN B 138 -8.50 3.11 7.63
N VAL B 139 -7.37 3.82 7.69
CA VAL B 139 -7.29 5.16 7.08
C VAL B 139 -6.16 5.25 6.05
N VAL B 140 -5.19 4.36 6.12
CA VAL B 140 -4.14 4.31 5.11
C VAL B 140 -3.68 2.89 4.93
N GLU B 141 -3.27 2.55 3.71
CA GLU B 141 -2.60 1.31 3.42
C GLU B 141 -1.43 1.56 2.46
N LYS B 142 -0.31 0.94 2.78
CA LYS B 142 0.85 0.95 1.89
C LYS B 142 1.26 -0.47 1.54
N VAL B 143 1.39 -0.72 0.24
CA VAL B 143 1.67 -2.04 -0.23
C VAL B 143 2.92 -2.05 -1.09
N GLU B 144 3.91 -2.86 -0.71
CA GLU B 144 5.21 -2.95 -1.39
C GLU B 144 5.53 -4.42 -1.71
N THR B 145 6.28 -4.67 -2.78
CA THR B 145 6.81 -6.02 -3.02
C THR B 145 8.30 -6.01 -2.98
N GLU B 146 8.88 -7.10 -2.54
CA GLU B 146 10.32 -7.24 -2.47
C GLU B 146 10.72 -8.64 -2.84
N ARG B 147 11.63 -8.71 -3.79
CA ARG B 147 12.13 -9.96 -4.31
C ARG B 147 13.35 -10.30 -3.46
N ALA B 148 13.49 -11.58 -3.15
CA ALA B 148 14.64 -12.13 -2.45
C ALA B 148 16.01 -11.81 -3.05
N GLN B 149 16.97 -11.61 -2.17
CA GLN B 149 18.37 -11.52 -2.54
C GLN B 149 19.18 -12.54 -1.74
N LEU B 150 20.12 -13.19 -2.40
CA LEU B 150 20.86 -14.31 -1.80
C LEU B 150 22.00 -13.77 -0.97
N GLU B 151 22.09 -14.23 0.26
CA GLU B 151 23.10 -13.74 1.18
C GLU B 151 23.85 -14.93 1.67
N ASP B 152 24.53 -14.80 2.81
CA ASP B 152 25.34 -15.88 3.34
C ASP B 152 24.49 -17.00 3.93
N GLY B 153 24.14 -18.00 3.10
CA GLY B 153 23.40 -19.16 3.57
C GLY B 153 21.89 -18.95 3.79
N ARG B 154 21.30 -17.94 3.14
CA ARG B 154 19.86 -17.66 3.26
C ARG B 154 19.48 -16.54 2.31
N PHE B 155 18.18 -16.28 2.17
CA PHE B 155 17.70 -15.15 1.37
C PHE B 155 17.36 -13.98 2.27
N VAL B 156 17.59 -12.77 1.78
CA VAL B 156 17.27 -11.60 2.57
C VAL B 156 16.36 -10.73 1.74
N TYR B 157 15.48 -10.03 2.42
CA TYR B 157 14.49 -9.17 1.82
C TYR B 157 14.65 -7.82 2.47
N ARG B 158 15.06 -6.85 1.69
CA ARG B 158 15.39 -5.53 2.24
C ARG B 158 14.49 -4.49 1.67
N LEU B 159 13.80 -3.82 2.58
CA LEU B 159 13.00 -2.67 2.26
C LEU B 159 13.56 -1.50 3.04
N LEU B 160 14.68 -0.96 2.59
CA LEU B 160 15.38 0.01 3.39
C LEU B 160 15.06 1.45 3.00
N ARG B 161 14.99 2.36 3.99
CA ARG B 161 14.84 3.80 3.73
C ARG B 161 13.61 4.16 2.87
N SER B 162 12.48 3.53 3.13
CA SER B 162 11.20 3.95 2.55
C SER B 162 10.79 5.26 3.17
N PRO B 163 10.40 6.23 2.33
CA PRO B 163 9.95 7.48 2.93
C PRO B 163 8.69 7.26 3.79
N MET B 164 8.71 7.80 4.99
CA MET B 164 7.55 7.75 5.85
C MET B 164 6.43 8.54 5.19
N CYS B 165 5.29 7.87 5.08
CA CYS B 165 4.05 8.53 4.69
C CYS B 165 3.90 9.89 5.41
N GLU B 166 3.52 10.90 4.64
CA GLU B 166 3.52 12.27 5.12
C GLU B 166 2.44 12.47 6.22
N TYR B 167 1.41 11.61 6.19
CA TYR B 167 0.38 11.58 7.24
C TYR B 167 1.04 11.26 8.59
N LEU B 168 2.01 10.38 8.56
CA LEU B 168 2.59 9.90 9.77
C LEU B 168 3.55 10.98 10.26
N VAL B 169 4.29 11.57 9.34
CA VAL B 169 5.18 12.65 9.70
C VAL B 169 4.40 13.77 10.38
N ASN B 170 3.25 14.13 9.82
CA ASN B 170 2.44 15.22 10.37
C ASN B 170 1.90 14.84 11.74
N PHE B 171 1.49 13.59 11.88
CA PHE B 171 0.96 13.14 13.14
C PHE B 171 2.04 13.20 14.23
N LEU B 172 3.26 12.80 13.90
CA LEU B 172 4.35 12.85 14.84
C LEU B 172 4.60 14.28 15.29
N HIS B 173 4.55 15.22 14.35
CA HIS B 173 4.85 16.58 14.75
C HIS B 173 3.77 17.14 15.69
N LYS B 174 2.51 16.76 15.45
CA LYS B 174 1.42 17.18 16.32
C LYS B 174 1.47 16.51 17.68
N LEU B 175 1.74 15.21 17.70
CA LEU B 175 1.83 14.49 18.95
C LEU B 175 2.90 15.09 19.85
N ARG B 176 4.01 15.41 19.22
CA ARG B 176 5.18 15.97 19.87
C ARG B 176 4.84 17.19 20.70
N GLN B 177 3.81 17.93 20.28
CA GLN B 177 3.58 19.23 20.89
C GLN B 177 2.49 19.22 21.97
N LEU B 178 1.87 18.08 22.20
CA LEU B 178 0.98 17.92 23.34
C LEU B 178 1.72 18.19 24.65
N PRO B 179 1.06 18.83 25.59
CA PRO B 179 1.71 19.27 26.84
C PRO B 179 1.96 18.19 27.87
N GLU B 180 1.42 16.98 27.68
CA GLU B 180 1.48 15.94 28.69
C GLU B 180 1.54 14.60 27.99
N ARG B 181 2.37 13.74 28.56
CA ARG B 181 2.61 12.38 28.09
C ARG B 181 1.33 11.58 28.16
N TYR B 182 0.60 11.71 29.26
CA TYR B 182 -0.68 11.01 29.39
C TYR B 182 -1.64 11.36 28.23
N MET B 183 -1.56 12.60 27.71
CA MET B 183 -2.43 13.01 26.58
C MET B 183 -1.99 12.33 25.29
N MET B 184 -0.67 12.30 25.04
CA MET B 184 -0.10 11.56 23.93
C MET B 184 -0.49 10.10 23.99
N ASN B 185 -0.41 9.50 25.17
CA ASN B 185 -0.85 8.12 25.29
C ASN B 185 -2.35 7.92 25.05
N SER B 186 -3.21 8.83 25.54
CA SER B 186 -4.63 8.74 25.21
C SER B 186 -4.88 8.81 23.73
N VAL B 187 -4.21 9.73 23.03
CA VAL B 187 -4.37 9.80 21.56
C VAL B 187 -3.94 8.49 20.91
N LEU B 188 -2.80 7.97 21.34
CA LEU B 188 -2.26 6.76 20.72
C LEU B 188 -3.09 5.49 21.00
N GLU B 189 -3.95 5.54 22.00
CA GLU B 189 -4.79 4.39 22.27
C GLU B 189 -5.68 4.08 21.08
N ASN B 190 -5.93 5.10 20.27
CA ASN B 190 -6.84 4.90 19.16
C ASN B 190 -6.13 4.68 17.81
N PHE B 191 -4.81 4.44 17.83
CA PHE B 191 -4.08 4.18 16.58
C PHE B 191 -3.34 2.95 16.63
N THR B 192 -3.46 2.15 15.58
CA THR B 192 -2.74 0.92 15.49
C THR B 192 -2.24 0.70 14.06
N ILE B 193 -1.20 -0.11 13.93
CA ILE B 193 -0.62 -0.44 12.64
C ILE B 193 -0.63 -1.98 12.56
N LEU B 194 -1.10 -2.46 11.42
CA LEU B 194 -1.10 -3.86 11.12
C LEU B 194 -0.22 -4.10 9.88
N GLN B 195 0.86 -4.85 10.03
CA GLN B 195 1.65 -5.36 8.91
C GLN B 195 1.37 -6.80 8.54
N VAL B 196 1.06 -7.01 7.27
CA VAL B 196 0.79 -8.33 6.74
C VAL B 196 1.77 -8.63 5.62
N VAL B 197 2.53 -9.71 5.81
CA VAL B 197 3.49 -10.15 4.85
C VAL B 197 3.04 -11.47 4.29
N THR B 198 2.95 -11.51 2.97
CA THR B 198 2.49 -12.70 2.30
C THR B 198 3.41 -13.05 1.14
N ASN B 199 3.30 -14.29 0.71
CA ASN B 199 3.99 -14.77 -0.44
C ASN B 199 3.22 -14.27 -1.66
N ARG B 200 3.82 -13.40 -2.45
CA ARG B 200 3.08 -12.79 -3.58
C ARG B 200 2.58 -13.79 -4.61
N ASP B 201 3.30 -14.88 -4.82
CA ASP B 201 2.90 -15.84 -5.86
C ASP B 201 1.79 -16.80 -5.38
N THR B 202 1.83 -17.19 -4.12
CA THR B 202 0.92 -18.21 -3.63
C THR B 202 -0.17 -17.65 -2.74
N GLN B 203 -0.01 -16.39 -2.36
CA GLN B 203 -0.95 -15.72 -1.49
C GLN B 203 -0.94 -16.22 -0.02
N GLU B 204 0.01 -17.05 0.37
CA GLU B 204 -0.08 -17.49 1.75
C GLU B 204 0.52 -16.47 2.65
N LEU B 205 -0.08 -16.36 3.84
CA LEU B 205 0.39 -15.45 4.86
C LEU B 205 1.67 -15.97 5.52
N LEU B 206 2.64 -15.09 5.71
CA LEU B 206 3.90 -15.51 6.28
C LEU B 206 4.07 -14.91 7.65
N LEU B 207 3.62 -13.69 7.80
CA LEU B 207 3.79 -12.98 9.06
C LEU B 207 2.73 -11.93 9.18
N CYS B 208 2.11 -11.82 10.34
CA CYS B 208 1.17 -10.74 10.57
C CYS B 208 1.44 -10.11 11.93
N THR B 209 1.65 -8.82 11.97
CA THR B 209 2.10 -8.15 13.17
C THR B 209 1.21 -6.94 13.41
N ALA B 210 0.61 -6.91 14.60
CA ALA B 210 -0.17 -5.78 15.11
C ALA B 210 0.75 -4.94 16.00
N TYR B 211 0.77 -3.64 15.77
CA TYR B 211 1.61 -2.74 16.53
C TYR B 211 0.74 -1.77 17.29
N VAL B 212 0.99 -1.66 18.60
CA VAL B 212 0.37 -0.67 19.42
C VAL B 212 1.44 0.18 20.11
N PHE B 213 1.07 1.43 20.43
CA PHE B 213 2.02 2.45 20.85
C PHE B 213 1.67 3.25 22.14
N GLU B 214 2.76 3.54 22.84
CA GLU B 214 2.80 4.54 23.90
C GLU B 214 4.00 5.39 23.66
N VAL B 215 4.10 6.53 24.35
CA VAL B 215 5.26 7.37 24.14
C VAL B 215 6.15 7.06 25.30
N SER B 216 7.43 6.93 25.02
CA SER B 216 8.41 6.76 26.06
C SER B 216 8.63 8.09 26.82
N THR B 217 8.93 7.98 28.09
CA THR B 217 9.43 9.14 28.84
C THR B 217 10.68 9.75 28.18
N SER B 218 10.97 11.01 28.51
CA SER B 218 12.02 11.78 27.85
C SER B 218 13.44 11.17 27.98
N GLU B 219 13.79 10.66 29.17
CA GLU B 219 15.12 10.07 29.43
C GLU B 219 15.34 8.69 28.76
N ARG B 220 14.27 7.92 28.55
CA ARG B 220 14.34 6.59 27.95
C ARG B 220 14.10 6.61 26.43
N GLY B 221 14.94 5.87 25.75
CA GLY B 221 14.86 5.78 24.32
C GLY B 221 13.74 4.81 23.96
N ALA B 222 13.67 4.42 22.69
CA ALA B 222 12.64 3.50 22.20
C ALA B 222 12.79 2.11 22.79
N GLN B 223 11.68 1.45 23.01
CA GLN B 223 11.67 0.09 23.55
C GLN B 223 10.43 -0.64 23.02
N HIS B 224 10.45 -1.97 23.03
CA HIS B 224 9.35 -2.78 22.55
C HIS B 224 9.18 -4.03 23.37
N HIS B 225 8.00 -4.61 23.31
CA HIS B 225 7.74 -5.91 23.89
C HIS B 225 6.91 -6.70 22.88
N ILE B 226 7.34 -7.92 22.61
CA ILE B 226 6.78 -8.73 21.53
C ILE B 226 5.96 -9.86 22.18
N TYR B 227 4.73 -10.08 21.71
CA TYR B 227 3.87 -11.18 22.20
C TYR B 227 3.46 -12.02 21.03
N ARG B 228 3.23 -13.32 21.28
CA ARG B 228 2.44 -14.11 20.32
C ARG B 228 0.97 -13.76 20.43
N LEU B 229 0.26 -13.62 19.32
CA LEU B 229 -1.20 -13.53 19.40
C LEU B 229 -1.85 -14.89 19.24
N VAL B 230 -2.71 -15.24 20.19
CA VAL B 230 -3.28 -16.59 20.25
C VAL B 230 -4.78 -16.50 20.31
N ARG B 231 -5.44 -17.60 19.96
CA ARG B 231 -6.87 -17.67 20.10
C ARG B 231 -7.34 -19.03 20.55
N ASP B 232 -8.14 -19.06 21.61
CA ASP B 232 -8.84 -20.27 22.00
C ASP B 232 -9.37 -21.09 20.82
N VAL B 233 -9.16 -22.41 20.88
CA VAL B 233 -9.70 -23.38 19.91
C VAL B 233 -8.89 -23.38 18.64
OAD 5E4 C . -5.83 -3.34 -6.96
CAP 5E4 C . -5.37 -2.64 -6.03
OAQ 5E4 C . -5.11 -3.18 -4.93
CAI 5E4 C . -5.14 -1.15 -6.27
CAH 5E4 C . -4.40 -0.41 -5.46
CAA 5E4 C . -4.19 1.07 -5.75
CAB 5E4 C . -4.77 1.62 -6.79
CAC 5E4 C . -5.64 0.76 -7.72
CAJ 5E4 C . -5.81 -0.51 -7.48
NAK 5E4 C . -6.63 -1.39 -8.31
CAL 5E4 C . -7.70 -0.94 -9.19
CAM 5E4 C . -7.37 -0.11 -10.21
CAN 5E4 C . -8.33 0.33 -11.07
BR 5E4 C . -7.70 1.56 -12.43
CAG 5E4 C . -9.65 -0.08 -10.98
CAF 5E4 C . -10.00 -0.95 -9.97
CAE 5E4 C . -9.02 -1.39 -9.08
HAH 5E4 C . -3.99 -0.81 -4.72
HAA 5E4 C . -3.67 1.59 -5.18
HAB 5E4 C . -4.65 2.53 -6.98
HAC 5E4 C . -6.05 1.16 -8.47
HAK 5E4 C . -6.51 -2.23 -8.23
HAM 5E4 C . -6.49 0.19 -10.29
HAG 5E4 C . -10.29 0.23 -11.58
HAF 5E4 C . -10.89 -1.24 -9.88
HAE 5E4 C . -9.26 -1.97 -8.40
OAD 5E4 D . 4.38 4.53 4.55
CAP 5E4 D . 4.42 4.52 5.81
OAQ 5E4 D . 5.21 5.27 6.40
CAI 5E4 D . 3.44 3.63 6.56
CAH 5E4 D . 2.25 3.54 6.02
CAA 5E4 D . 1.17 2.68 6.64
CAB 5E4 D . 1.45 2.05 7.77
CAC 5E4 D . 2.83 2.16 8.42
CAJ 5E4 D . 3.77 2.90 7.87
NAK 5E4 D . 5.09 3.00 8.48
CAL 5E4 D . 5.38 2.79 9.91
CAM 5E4 D . 5.17 1.57 10.49
CAN 5E4 D . 5.45 1.37 11.82
BR 5E4 D . 5.09 -0.39 12.52
CAG 5E4 D . 5.95 2.37 12.63
CAF 5E4 D . 6.15 3.61 12.08
CAE 5E4 D . 5.87 3.81 10.73
HAH 5E4 D . 2.07 3.99 5.22
HAA 5E4 D . 0.33 2.61 6.26
HAB 5E4 D . 0.79 1.52 8.17
HAC 5E4 D . 3.00 1.70 9.20
HAK 5E4 D . 5.74 3.27 7.99
HAM 5E4 D . 4.84 0.88 9.97
HAG 5E4 D . 6.11 2.22 13.54
HAF 5E4 D . 6.49 4.31 12.59
HAE 5E4 D . 6.03 4.64 10.35
OAD 5E4 E . 1.50 -0.48 24.66
CAP 5E4 E . 1.56 -0.32 25.90
OAQ 5E4 E . 2.61 0.19 26.39
CAI 5E4 E . 0.36 -0.68 26.80
CAH 5E4 E . 0.43 -0.83 28.12
CAA 5E4 E . -0.84 -1.17 28.92
CAB 5E4 E . -1.99 -1.34 28.31
CAC 5E4 E . -2.08 -1.18 26.79
CAJ 5E4 E . -0.99 -0.86 26.10
NAK 5E4 E . -0.92 -0.71 24.67
CAL 5E4 E . -1.96 -0.33 23.73
CAM 5E4 E . -2.83 -1.30 23.26
CAN 5E4 E . -3.79 -0.95 22.31
BR 5E4 E . -5.05 -2.26 21.64
CAG 5E4 E . -3.86 0.34 21.82
CAF 5E4 E . -2.97 1.30 22.28
CAE 5E4 E . -2.01 0.97 23.23
HAH 5E4 E . 1.23 -0.70 28.55
HAA 5E4 E . -0.79 -1.27 29.84
HAB 5E4 E . -2.76 -1.56 28.80
HAC 5E4 E . -2.89 -1.30 26.34
HAK 5E4 E . -0.21 -1.01 24.31
HAM 5E4 E . -2.78 -2.17 23.58
HAG 5E4 E . -4.50 0.57 21.20
HAF 5E4 E . -3.02 2.17 21.96
HAE 5E4 E . -1.41 1.61 23.53
#